data_1KNG
#
_entry.id   1KNG
#
_cell.length_a   35.1
_cell.length_b   48.2
_cell.length_c   90.2
_cell.angle_alpha   90.00
_cell.angle_beta   90.00
_cell.angle_gamma   90.00
#
_symmetry.space_group_name_H-M   'P 21 21 21'
#
loop_
_entity.id
_entity.type
_entity.pdbx_description
1 polymer 'THIOL:DISULFIDE INTERCHANGE PROTEIN CYCY'
2 water water
#
_entity_poly.entity_id   1
_entity_poly.type   'polypeptide(L)'
_entity_poly.pdbx_seq_one_letter_code
;DPSRIPSALIGRPAPQTALPPLEGLQADNVQVPGLDPAAFKGKVSLVNVWASWCVPCHDEAPLLTELGKDKRFQLVGINY
KDAADNARRFLGRYGNPFGRVGVDANGRASIEWGVYGVPETFVVGREGTIVYKLVGPITPDNLRSVLLPQMEKALK
;
_entity_poly.pdbx_strand_id   A
#
# COMPACT_ATOMS: atom_id res chain seq x y z
N ARG A 12 0.26 -15.74 8.20
CA ARG A 12 -0.90 -15.39 9.07
C ARG A 12 -1.98 -14.62 8.31
N PRO A 13 -3.26 -14.71 8.77
CA PRO A 13 -4.32 -13.84 8.22
C PRO A 13 -3.91 -12.40 8.36
N ALA A 14 -4.22 -11.67 7.30
CA ALA A 14 -4.07 -10.23 7.36
C ALA A 14 -4.88 -9.68 8.49
N PRO A 15 -4.37 -8.68 9.19
CA PRO A 15 -5.17 -8.07 10.24
C PRO A 15 -6.49 -7.53 9.67
N GLN A 16 -7.50 -7.61 10.52
CA GLN A 16 -8.88 -7.23 10.16
C GLN A 16 -9.16 -5.78 10.46
N THR A 17 -8.15 -4.92 10.22
CA THR A 17 -8.20 -3.49 10.43
C THR A 17 -8.98 -2.80 9.34
N ALA A 18 -9.98 -1.99 9.70
CA ALA A 18 -10.67 -1.15 8.75
C ALA A 18 -10.23 0.29 8.98
N LEU A 19 -10.02 1.03 7.89
CA LEU A 19 -9.51 2.39 7.94
C LEU A 19 -10.30 3.30 7.03
N PRO A 20 -10.55 4.52 7.43
CA PRO A 20 -11.27 5.47 6.57
C PRO A 20 -10.41 5.92 5.42
N PRO A 21 -11.04 6.46 4.39
CA PRO A 21 -10.30 6.96 3.21
C PRO A 21 -9.63 8.30 3.41
N LEU A 22 -8.79 8.64 2.43
CA LEU A 22 -8.17 9.98 2.31
C LEU A 22 -9.11 10.85 1.52
N GLU A 23 -9.87 11.69 2.19
CA GLU A 23 -10.88 12.52 1.55
C GLU A 23 -10.28 13.33 0.42
N GLY A 24 -10.95 13.29 -0.72
CA GLY A 24 -10.51 14.09 -1.86
C GLY A 24 -9.58 13.43 -2.79
N LEU A 25 -9.12 12.22 -2.48
CA LEU A 25 -8.34 11.46 -3.42
C LEU A 25 -9.28 10.78 -4.42
N GLN A 26 -9.10 11.06 -5.71
CA GLN A 26 -10.00 10.52 -6.72
C GLN A 26 -9.22 9.69 -7.73
N ALA A 27 -9.93 8.74 -8.32
CA ALA A 27 -9.43 7.91 -9.43
C ALA A 27 -10.66 7.74 -10.32
N ASP A 28 -10.42 8.01 -11.61
CA ASP A 28 -11.50 7.92 -12.60
C ASP A 28 -12.70 8.76 -12.13
N ASN A 29 -12.44 9.90 -11.52
CA ASN A 29 -13.39 10.90 -11.13
C ASN A 29 -14.27 10.50 -9.96
N VAL A 30 -13.87 9.48 -9.18
CA VAL A 30 -14.63 9.10 -7.99
C VAL A 30 -13.66 8.91 -6.84
N GLN A 31 -14.16 9.13 -5.64
CA GLN A 31 -13.40 8.96 -4.42
C GLN A 31 -12.82 7.56 -4.32
N VAL A 32 -11.53 7.50 -3.99
CA VAL A 32 -10.85 6.25 -3.69
C VAL A 32 -11.30 5.73 -2.33
N PRO A 33 -11.78 4.51 -2.22
CA PRO A 33 -12.22 4.01 -0.91
C PRO A 33 -11.06 3.80 0.05
N GLY A 34 -11.45 3.62 1.30
CA GLY A 34 -10.58 3.22 2.37
C GLY A 34 -10.29 1.75 2.39
N LEU A 35 -9.85 1.28 3.56
CA LEU A 35 -9.47 -0.11 3.68
C LEU A 35 -10.57 -0.89 4.40
N ASP A 36 -11.16 -1.86 3.73
CA ASP A 36 -12.07 -2.84 4.32
C ASP A 36 -11.34 -4.16 4.18
N PRO A 37 -11.07 -4.93 5.22
CA PRO A 37 -10.29 -6.18 5.08
C PRO A 37 -10.97 -7.19 4.17
N ALA A 38 -12.22 -7.10 3.86
CA ALA A 38 -12.86 -8.03 2.93
C ALA A 38 -12.28 -7.92 1.53
N ALA A 39 -11.65 -6.79 1.23
CA ALA A 39 -11.11 -6.54 -0.08
C ALA A 39 -9.94 -7.43 -0.43
N PHE A 40 -9.32 -8.09 0.53
CA PHE A 40 -8.19 -8.95 0.22
C PHE A 40 -8.59 -10.30 -0.40
N LYS A 41 -9.77 -10.80 -0.07
CA LYS A 41 -10.16 -12.14 -0.54
C LYS A 41 -10.29 -12.21 -2.03
N GLY A 42 -9.64 -13.24 -2.58
CA GLY A 42 -9.76 -13.48 -4.00
C GLY A 42 -8.73 -12.80 -4.87
N LYS A 43 -7.90 -11.94 -4.33
CA LYS A 43 -6.97 -11.09 -5.02
C LYS A 43 -5.57 -11.34 -4.53
N VAL A 44 -4.60 -10.93 -5.35
CA VAL A 44 -3.23 -10.76 -4.88
C VAL A 44 -3.00 -9.25 -4.71
N SER A 45 -2.69 -8.89 -3.48
CA SER A 45 -2.58 -7.49 -3.13
C SER A 45 -1.18 -7.15 -2.59
N LEU A 46 -0.75 -5.94 -2.92
CA LEU A 46 0.42 -5.34 -2.33
C LEU A 46 -0.09 -4.28 -1.38
N VAL A 47 0.41 -4.29 -0.13
CA VAL A 47 0.00 -3.30 0.88
C VAL A 47 1.25 -2.52 1.21
N ASN A 48 1.26 -1.25 0.94
CA ASN A 48 2.40 -0.39 1.22
C ASN A 48 2.04 0.61 2.31
N VAL A 49 2.89 0.77 3.33
CA VAL A 49 2.68 1.67 4.46
C VAL A 49 3.68 2.80 4.29
N TRP A 50 3.13 4.00 4.18
CA TRP A 50 3.94 5.15 3.71
C TRP A 50 3.47 6.42 4.38
N ALA A 51 4.33 7.45 4.34
CA ALA A 51 3.98 8.79 4.80
C ALA A 51 4.75 9.80 3.95
N SER A 52 4.16 10.96 3.80
CA SER A 52 4.77 12.02 3.00
C SER A 52 6.08 12.57 3.55
N TRP A 53 6.30 12.45 4.85
CA TRP A 53 7.51 12.96 5.52
C TRP A 53 8.63 11.93 5.50
N CYS A 54 8.38 10.72 5.02
CA CYS A 54 9.32 9.62 5.03
C CYS A 54 10.21 9.66 3.76
N VAL A 55 11.52 9.71 3.98
CA VAL A 55 12.48 9.92 2.89
C VAL A 55 12.48 8.73 1.95
N PRO A 56 12.63 7.50 2.38
CA PRO A 56 12.59 6.38 1.44
C PRO A 56 11.26 6.18 0.71
N CYS A 57 10.22 6.74 1.33
CA CYS A 57 8.89 6.71 0.72
C CYS A 57 8.89 7.50 -0.56
N HIS A 58 9.60 8.64 -0.61
CA HIS A 58 9.73 9.41 -1.86
C HIS A 58 10.52 8.60 -2.90
N ASP A 59 11.57 7.95 -2.44
CA ASP A 59 12.44 7.22 -3.36
C ASP A 59 11.67 6.14 -4.07
N GLU A 60 10.79 5.42 -3.36
CA GLU A 60 10.09 4.30 -3.91
C GLU A 60 8.82 4.67 -4.68
N ALA A 61 8.29 5.86 -4.50
CA ALA A 61 7.01 6.23 -5.05
C ALA A 61 6.92 6.06 -6.57
N PRO A 62 7.90 6.50 -7.37
CA PRO A 62 7.77 6.33 -8.81
C PRO A 62 7.73 4.86 -9.26
N LEU A 63 8.36 3.98 -8.48
CA LEU A 63 8.32 2.56 -8.77
C LEU A 63 6.94 1.98 -8.55
N LEU A 64 6.23 2.38 -7.48
CA LEU A 64 4.86 1.96 -7.22
C LEU A 64 3.93 2.52 -8.27
N THR A 65 4.13 3.75 -8.71
CA THR A 65 3.28 4.27 -9.81
C THR A 65 3.38 3.37 -11.02
N GLU A 66 4.58 2.93 -11.42
CA GLU A 66 4.67 2.00 -12.56
C GLU A 66 3.99 0.67 -12.30
N LEU A 67 4.17 0.12 -11.08
CA LEU A 67 3.62 -1.20 -10.73
C LEU A 67 2.11 -1.10 -10.82
N GLY A 68 1.52 0.03 -10.42
CA GLY A 68 0.10 0.21 -10.49
C GLY A 68 -0.54 0.11 -11.85
N LYS A 69 0.25 0.15 -12.92
CA LYS A 69 -0.21 -0.08 -14.27
C LYS A 69 -0.55 -1.55 -14.52
N ASP A 70 -0.06 -2.47 -13.70
CA ASP A 70 -0.29 -3.89 -13.85
C ASP A 70 -1.59 -4.32 -13.17
N LYS A 71 -2.61 -4.54 -13.98
CA LYS A 71 -3.97 -4.80 -13.57
C LYS A 71 -4.17 -6.19 -12.99
N ARG A 72 -3.14 -7.03 -12.93
CA ARG A 72 -3.30 -8.32 -12.26
C ARG A 72 -3.39 -8.24 -10.73
N PHE A 73 -2.93 -7.11 -10.19
CA PHE A 73 -2.78 -6.94 -8.74
C PHE A 73 -3.59 -5.78 -8.19
N GLN A 74 -3.93 -5.93 -6.92
CA GLN A 74 -4.57 -4.85 -6.17
C GLN A 74 -3.51 -4.16 -5.32
N LEU A 75 -3.41 -2.86 -5.44
CA LEU A 75 -2.45 -2.11 -4.61
C LEU A 75 -3.22 -1.32 -3.57
N VAL A 76 -2.80 -1.49 -2.33
CA VAL A 76 -3.47 -0.87 -1.17
C VAL A 76 -2.45 -0.06 -0.44
N GLY A 77 -2.78 1.18 -0.14
CA GLY A 77 -1.94 2.02 0.67
C GLY A 77 -2.44 2.31 2.07
N ILE A 78 -1.55 2.28 3.01
CA ILE A 78 -1.86 2.70 4.42
C ILE A 78 -1.05 3.94 4.66
N ASN A 79 -1.71 5.06 4.83
CA ASN A 79 -1.06 6.33 5.06
C ASN A 79 -0.90 6.54 6.55
N TYR A 80 0.35 6.59 7.00
CA TYR A 80 0.76 6.50 8.38
C TYR A 80 1.12 7.83 9.01
N LYS A 81 0.39 8.23 10.03
CA LYS A 81 0.76 9.40 10.85
C LYS A 81 1.05 10.64 9.99
N ASP A 82 0.14 11.00 9.09
CA ASP A 82 0.36 12.00 8.06
C ASP A 82 -0.80 12.93 7.96
N ALA A 83 -0.57 14.19 7.83
CA ALA A 83 -1.62 15.20 7.63
C ALA A 83 -2.22 15.08 6.26
N ALA A 84 -3.51 15.22 6.13
CA ALA A 84 -4.23 14.99 4.90
C ALA A 84 -3.71 15.83 3.73
N ASP A 85 -3.45 17.11 3.97
CA ASP A 85 -2.96 17.96 2.90
C ASP A 85 -1.65 17.43 2.36
N ASN A 86 -0.78 16.96 3.25
CA ASN A 86 0.52 16.47 2.84
C ASN A 86 0.43 15.15 2.10
N ALA A 87 -0.46 14.28 2.54
CA ALA A 87 -0.71 13.00 1.87
C ALA A 87 -1.30 13.24 0.48
N ARG A 88 -2.23 14.18 0.34
CA ARG A 88 -2.77 14.51 -0.97
C ARG A 88 -1.68 15.13 -1.88
N ARG A 89 -0.85 15.98 -1.32
CA ARG A 89 0.26 16.52 -2.14
C ARG A 89 1.12 15.39 -2.66
N PHE A 90 1.51 14.46 -1.80
CA PHE A 90 2.40 13.39 -2.15
C PHE A 90 1.85 12.61 -3.32
N LEU A 91 0.59 12.15 -3.22
CA LEU A 91 0.01 11.36 -4.29
C LEU A 91 -0.23 12.18 -5.55
N GLY A 92 -0.46 13.50 -5.42
CA GLY A 92 -0.56 14.33 -6.61
C GLY A 92 0.79 14.51 -7.27
N ARG A 93 1.89 14.45 -6.55
CA ARG A 93 3.22 14.66 -7.08
C ARG A 93 3.75 13.46 -7.85
N TYR A 94 3.52 12.30 -7.27
CA TYR A 94 4.06 11.06 -7.83
C TYR A 94 3.05 10.24 -8.58
N GLY A 95 1.78 10.54 -8.48
CA GLY A 95 0.72 9.75 -8.96
C GLY A 95 0.21 8.81 -7.87
N ASN A 96 -1.02 8.40 -8.02
CA ASN A 96 -1.66 7.45 -7.11
C ASN A 96 -1.78 6.07 -7.74
N PRO A 97 -1.00 5.12 -7.28
CA PRO A 97 -1.07 3.76 -7.81
C PRO A 97 -2.09 2.89 -7.09
N PHE A 98 -2.69 3.38 -6.04
CA PHE A 98 -3.49 2.56 -5.14
C PHE A 98 -4.98 2.53 -5.50
N GLY A 99 -5.60 1.37 -5.50
CA GLY A 99 -7.00 1.27 -5.59
C GLY A 99 -7.80 1.55 -4.35
N ARG A 100 -7.14 1.42 -3.20
CA ARG A 100 -7.68 1.72 -1.89
C ARG A 100 -6.56 2.39 -1.07
N VAL A 101 -6.93 3.43 -0.33
CA VAL A 101 -5.98 4.10 0.56
C VAL A 101 -6.70 4.26 1.89
N GLY A 102 -6.15 3.67 2.93
CA GLY A 102 -6.65 3.86 4.26
C GLY A 102 -5.76 4.79 5.08
N VAL A 103 -6.36 5.61 5.88
CA VAL A 103 -5.62 6.54 6.70
C VAL A 103 -5.50 6.01 8.11
N ASP A 104 -4.25 5.87 8.57
CA ASP A 104 -3.91 5.39 9.89
C ASP A 104 -3.28 6.55 10.67
N ALA A 105 -4.12 7.48 11.12
CA ALA A 105 -3.62 8.73 11.62
C ALA A 105 -2.77 8.58 12.90
N ASN A 106 -3.10 7.60 13.71
CA ASN A 106 -2.45 7.41 15.02
C ASN A 106 -1.47 6.23 14.97
N GLY A 107 -1.33 5.53 13.85
CA GLY A 107 -0.42 4.40 13.77
C GLY A 107 -0.94 3.15 14.38
N ARG A 108 -2.13 3.13 14.93
CA ARG A 108 -2.59 1.92 15.63
C ARG A 108 -2.84 0.74 14.70
N ALA A 109 -3.30 0.98 13.47
CA ALA A 109 -3.47 -0.12 12.55
C ALA A 109 -2.14 -0.69 12.16
N SER A 110 -1.15 0.16 11.93
CA SER A 110 0.17 -0.29 11.51
C SER A 110 0.79 -1.15 12.61
N ILE A 111 0.51 -0.91 13.90
CA ILE A 111 1.03 -1.80 14.90
C ILE A 111 0.46 -3.21 14.76
N GLU A 112 -0.82 -3.33 14.41
CA GLU A 112 -1.39 -4.63 14.21
C GLU A 112 -0.74 -5.37 13.05
N TRP A 113 -0.31 -4.66 12.01
CA TRP A 113 0.43 -5.23 10.89
C TRP A 113 1.87 -5.54 11.21
N GLY A 114 2.36 -5.13 12.39
CA GLY A 114 3.74 -5.40 12.77
C GLY A 114 4.71 -4.41 12.16
N VAL A 115 4.27 -3.22 11.81
CA VAL A 115 5.17 -2.26 11.16
C VAL A 115 6.16 -1.60 12.11
N TYR A 116 7.46 -1.76 11.84
CA TYR A 116 8.49 -1.13 12.65
C TYR A 116 8.66 0.36 12.40
N GLY A 117 8.43 0.77 11.19
CA GLY A 117 8.61 2.14 10.74
C GLY A 117 8.28 2.10 9.26
N VAL A 118 8.17 3.23 8.64
CA VAL A 118 7.85 3.25 7.22
C VAL A 118 9.09 3.47 6.38
N PRO A 119 9.09 2.95 5.16
CA PRO A 119 8.03 2.13 4.55
C PRO A 119 8.23 0.65 4.82
N GLU A 120 7.11 -0.06 4.77
CA GLU A 120 7.11 -1.50 4.73
C GLU A 120 6.04 -1.90 3.73
N THR A 121 6.29 -3.06 3.10
CA THR A 121 5.40 -3.58 2.07
C THR A 121 5.06 -5.03 2.36
N PHE A 122 3.82 -5.41 2.16
CA PHE A 122 3.32 -6.76 2.36
C PHE A 122 2.68 -7.25 1.07
N VAL A 123 2.81 -8.56 0.83
CA VAL A 123 2.05 -9.25 -0.20
C VAL A 123 1.00 -10.10 0.49
N VAL A 124 -0.25 -9.95 0.08
CA VAL A 124 -1.40 -10.69 0.62
C VAL A 124 -1.98 -11.50 -0.50
N GLY A 125 -2.08 -12.81 -0.26
CA GLY A 125 -2.59 -13.76 -1.25
C GLY A 125 -4.08 -13.89 -1.30
N ARG A 126 -4.54 -14.79 -2.16
CA ARG A 126 -5.97 -14.87 -2.44
C ARG A 126 -6.79 -15.31 -1.24
N GLU A 127 -6.17 -16.01 -0.30
CA GLU A 127 -6.80 -16.49 0.93
C GLU A 127 -6.78 -15.42 2.00
N GLY A 128 -6.21 -14.24 1.66
CA GLY A 128 -6.19 -13.18 2.65
C GLY A 128 -5.13 -13.32 3.72
N THR A 129 -4.12 -14.10 3.39
CA THR A 129 -3.00 -14.31 4.30
C THR A 129 -1.75 -13.59 3.72
N ILE A 130 -0.84 -13.24 4.63
CA ILE A 130 0.40 -12.54 4.34
C ILE A 130 1.39 -13.58 3.88
N VAL A 131 1.80 -13.45 2.63
CA VAL A 131 2.73 -14.44 2.10
C VAL A 131 4.14 -13.91 1.99
N TYR A 132 4.39 -12.60 2.10
CA TYR A 132 5.72 -12.04 2.03
C TYR A 132 5.68 -10.65 2.65
N LYS A 133 6.80 -10.25 3.24
CA LYS A 133 7.00 -8.90 3.73
C LYS A 133 8.36 -8.36 3.32
N LEU A 134 8.39 -7.14 2.89
CA LEU A 134 9.60 -6.35 2.60
C LEU A 134 9.73 -5.17 3.57
N VAL A 135 10.82 -5.11 4.32
CA VAL A 135 11.10 -3.98 5.19
C VAL A 135 12.00 -3.03 4.44
N GLY A 136 11.65 -1.77 4.38
CA GLY A 136 12.47 -0.83 3.65
C GLY A 136 11.88 -0.54 2.30
N PRO A 137 12.50 0.37 1.54
CA PRO A 137 11.89 0.78 0.32
C PRO A 137 11.97 -0.33 -0.72
N ILE A 138 11.06 -0.26 -1.66
CA ILE A 138 11.11 -0.97 -2.93
C ILE A 138 12.18 -0.26 -3.74
N THR A 139 13.03 -1.07 -4.37
CA THR A 139 14.08 -0.63 -5.24
C THR A 139 13.91 -1.32 -6.59
N PRO A 140 14.59 -0.85 -7.64
CA PRO A 140 14.44 -1.58 -8.91
C PRO A 140 14.81 -3.05 -8.77
N ASP A 141 15.89 -3.32 -8.05
CA ASP A 141 16.38 -4.69 -7.94
C ASP A 141 15.41 -5.54 -7.12
N ASN A 142 14.93 -5.06 -5.96
CA ASN A 142 14.03 -5.94 -5.20
C ASN A 142 12.65 -5.99 -5.84
N LEU A 143 12.23 -5.03 -6.62
CA LEU A 143 10.95 -5.14 -7.34
C LEU A 143 11.03 -6.27 -8.37
N ARG A 144 12.10 -6.17 -9.21
CA ARG A 144 12.19 -7.09 -10.33
C ARG A 144 12.46 -8.52 -9.93
N SER A 145 13.29 -8.67 -8.88
CA SER A 145 13.87 -9.96 -8.62
C SER A 145 13.41 -10.61 -7.29
N VAL A 146 12.60 -9.89 -6.51
CA VAL A 146 12.09 -10.42 -5.24
C VAL A 146 10.59 -10.23 -5.18
N LEU A 147 10.09 -9.01 -5.24
CA LEU A 147 8.64 -8.78 -5.01
C LEU A 147 7.77 -9.27 -6.15
N LEU A 148 8.06 -8.86 -7.38
CA LEU A 148 7.21 -9.30 -8.48
C LEU A 148 7.22 -10.82 -8.65
N PRO A 149 8.34 -11.50 -8.58
CA PRO A 149 8.25 -13.00 -8.58
C PRO A 149 7.32 -13.56 -7.50
N GLN A 150 7.36 -13.02 -6.29
CA GLN A 150 6.52 -13.55 -5.22
C GLN A 150 5.06 -13.27 -5.54
N MET A 151 4.77 -12.09 -6.05
CA MET A 151 3.41 -11.76 -6.45
C MET A 151 2.89 -12.67 -7.55
N GLU A 152 3.70 -12.93 -8.54
CA GLU A 152 3.29 -13.83 -9.63
C GLU A 152 3.04 -15.27 -9.16
N LYS A 153 3.87 -15.71 -8.23
CA LYS A 153 3.69 -17.05 -7.70
C LYS A 153 2.34 -17.13 -7.00
N ALA A 154 1.88 -16.06 -6.36
CA ALA A 154 0.65 -16.05 -5.58
C ALA A 154 -0.62 -16.02 -6.44
N LEU A 155 -0.44 -15.71 -7.72
CA LEU A 155 -1.52 -15.77 -8.67
C LEU A 155 -1.77 -17.28 -9.04
#